data_8UFL
#
_entry.id   8UFL
#
_cell.length_a   67.700
_cell.length_b   84.862
_cell.length_c   93.602
_cell.angle_alpha   90.000
_cell.angle_beta   90.000
_cell.angle_gamma   90.000
#
_symmetry.space_group_name_H-M   'P 21 21 21'
#
loop_
_entity.id
_entity.type
_entity.pdbx_description
1 polymer 'Papain-like protease nsp3'
2 non-polymer 'CHLORIDE ION'
3 non-polymer 'SULFATE ION'
4 water water
#
_entity_poly.entity_id   1
_entity_poly.type   'polypeptide(L)'
_entity_poly.pdbx_seq_one_letter_code
;SNAKIKACIDEVTTTLEETKFLTNKLLLFADINGKLYHDSQNMLRGEDMSFLEKDAPYMVGDVITSGDITCVVIPSKKAG
GTTEMLSRALKKVPVDEYITTYPGQGCAGYTLEEAKTALKKCKSAFYVLPSEAPNAKEEILGTVSWNLREMLAHAEETRK
LMPICMDVRAIMATIQRKYKGIKIQEGIVDYGVRFFFYTSKEPVASIITKLNSLNEPLVTMPIGYVTHGFNLEEAARCMR
SLKAPAVVSVSSPDAVTTYNGYLTSSS
;
_entity_poly.pdbx_strand_id   A,B
#
# COMPACT_ATOMS: atom_id res chain seq x y z
N LYS A 4 -32.87 -15.96 9.73
CA LYS A 4 -31.52 -15.89 9.08
C LYS A 4 -31.62 -15.08 7.79
N ILE A 5 -30.69 -14.14 7.59
CA ILE A 5 -30.64 -13.24 6.40
C ILE A 5 -29.97 -13.96 5.22
N LYS A 6 -30.39 -13.64 4.00
CA LYS A 6 -29.78 -14.22 2.77
C LYS A 6 -28.68 -13.24 2.31
N ALA A 7 -27.42 -13.69 2.35
CA ALA A 7 -26.27 -12.83 1.98
C ALA A 7 -26.34 -12.48 0.49
N CYS A 8 -26.19 -11.19 0.16
CA CYS A 8 -26.25 -10.78 -1.28
C CYS A 8 -25.72 -9.36 -1.44
N ILE A 9 -25.46 -8.98 -2.70
CA ILE A 9 -24.97 -7.62 -3.08
C ILE A 9 -25.89 -7.15 -4.21
N ASP A 10 -26.91 -6.35 -3.88
CA ASP A 10 -27.85 -5.85 -4.90
C ASP A 10 -27.48 -4.40 -5.26
N GLU A 11 -27.05 -4.16 -6.50
CA GLU A 11 -26.72 -2.80 -6.99
C GLU A 11 -28.05 -2.14 -7.41
N VAL A 12 -28.55 -1.19 -6.59
CA VAL A 12 -29.86 -0.56 -6.90
C VAL A 12 -29.69 0.77 -7.64
N THR A 13 -30.76 1.21 -8.31
CA THR A 13 -30.83 2.49 -9.07
C THR A 13 -31.85 3.41 -8.39
N THR A 14 -32.54 2.89 -7.36
CA THR A 14 -33.56 3.67 -6.61
C THR A 14 -32.88 4.77 -5.80
N THR A 15 -33.66 5.76 -5.35
CA THR A 15 -33.09 6.85 -4.51
C THR A 15 -32.73 6.28 -3.14
N LEU A 16 -32.03 7.05 -2.32
CA LEU A 16 -31.67 6.56 -0.96
C LEU A 16 -32.94 6.39 -0.13
N GLU A 17 -33.84 7.36 -0.15
CA GLU A 17 -35.07 7.30 0.67
C GLU A 17 -35.94 6.09 0.29
N GLU A 18 -36.01 5.70 -0.99
CA GLU A 18 -36.82 4.51 -1.34
C GLU A 18 -36.06 3.25 -0.90
N THR A 19 -34.74 3.24 -1.08
CA THR A 19 -33.94 2.06 -0.68
C THR A 19 -34.17 1.83 0.83
N LYS A 20 -34.30 2.92 1.60
CA LYS A 20 -34.52 2.83 3.08
C LYS A 20 -35.81 2.09 3.42
N PHE A 21 -36.77 1.97 2.48
CA PHE A 21 -38.02 1.25 2.84
C PHE A 21 -37.70 -0.22 3.15
N LEU A 22 -36.72 -0.81 2.47
CA LEU A 22 -36.39 -2.24 2.77
C LEU A 22 -35.56 -2.28 4.05
N THR A 23 -34.60 -1.36 4.16
CA THR A 23 -33.74 -1.33 5.36
C THR A 23 -33.27 0.10 5.63
N ASN A 24 -33.40 0.54 6.88
CA ASN A 24 -32.97 1.88 7.35
C ASN A 24 -31.50 1.86 7.75
N LYS A 25 -30.92 0.67 7.92
CA LYS A 25 -29.51 0.52 8.38
C LYS A 25 -28.53 0.91 7.28
N LEU A 26 -27.58 1.78 7.63
CA LEU A 26 -26.54 2.27 6.70
C LEU A 26 -25.18 1.77 7.20
N LEU A 27 -24.36 1.22 6.30
CA LEU A 27 -23.02 0.73 6.69
C LEU A 27 -21.99 1.72 6.13
N LEU A 28 -21.40 2.51 7.01
CA LEU A 28 -20.40 3.53 6.63
C LEU A 28 -18.99 3.00 6.90
N PHE A 29 -17.99 3.57 6.23
CA PHE A 29 -16.58 3.15 6.41
C PHE A 29 -15.78 4.35 6.91
N ALA A 30 -14.95 4.12 7.93
CA ALA A 30 -14.14 5.20 8.53
C ALA A 30 -12.69 4.75 8.66
N ASP A 31 -11.78 5.72 8.83
CA ASP A 31 -10.34 5.38 9.00
C ASP A 31 -10.09 5.19 10.50
N ILE A 32 -8.83 5.15 10.91
CA ILE A 32 -8.40 4.94 12.33
C ILE A 32 -8.88 6.09 13.24
N ASN A 33 -8.94 7.31 12.72
CA ASN A 33 -9.33 8.51 13.52
C ASN A 33 -10.85 8.73 13.51
N GLY A 34 -11.64 7.81 12.94
CA GLY A 34 -13.10 8.00 12.91
C GLY A 34 -13.54 8.97 11.82
N LYS A 35 -12.68 9.18 10.81
CA LYS A 35 -12.99 10.06 9.66
C LYS A 35 -13.64 9.19 8.58
N LEU A 36 -14.85 9.53 8.16
CA LEU A 36 -15.58 8.74 7.13
C LEU A 36 -14.93 8.89 5.76
N TYR A 37 -14.95 7.82 4.97
CA TYR A 37 -14.45 7.89 3.57
C TYR A 37 -15.54 8.65 2.79
N HIS A 38 -15.14 9.44 1.78
CA HIS A 38 -16.06 10.27 0.96
C HIS A 38 -17.37 9.56 0.63
N ASP A 39 -17.31 8.40 -0.04
CA ASP A 39 -18.51 7.62 -0.48
C ASP A 39 -19.50 7.40 0.67
N SER A 40 -19.02 7.13 1.88
CA SER A 40 -19.91 6.88 3.04
C SER A 40 -20.59 8.20 3.47
N GLN A 41 -19.85 9.30 3.38
CA GLN A 41 -20.38 10.63 3.77
C GLN A 41 -21.52 11.02 2.84
N ASN A 42 -21.54 10.51 1.61
CA ASN A 42 -22.63 10.87 0.65
C ASN A 42 -23.94 10.13 0.98
N MET A 43 -23.95 9.24 1.99
CA MET A 43 -25.22 8.54 2.35
C MET A 43 -25.86 9.22 3.56
N LEU A 44 -25.23 10.25 4.10
CA LEU A 44 -25.78 10.96 5.27
C LEU A 44 -26.78 12.02 4.80
N ARG A 45 -27.84 12.25 5.58
CA ARG A 45 -28.88 13.27 5.26
C ARG A 45 -29.06 14.21 6.46
N GLY A 46 -27.97 14.57 7.13
CA GLY A 46 -28.06 15.51 8.28
C GLY A 46 -27.99 14.80 9.62
N GLU A 47 -27.74 13.49 9.66
CA GLU A 47 -27.63 12.82 10.99
C GLU A 47 -26.41 13.42 11.73
N ASP A 48 -26.46 13.44 13.06
CA ASP A 48 -25.34 13.95 13.90
C ASP A 48 -24.26 12.86 13.97
N MET A 49 -23.06 13.14 13.45
CA MET A 49 -21.97 12.12 13.45
C MET A 49 -20.97 12.36 14.59
N SER A 50 -21.37 13.05 15.65
CA SER A 50 -20.47 13.33 16.80
C SER A 50 -20.07 12.03 17.52
N PHE A 51 -20.99 11.07 17.61
CA PHE A 51 -20.77 9.78 18.31
C PHE A 51 -19.51 9.05 17.77
N LEU A 52 -19.19 9.24 16.50
CA LEU A 52 -18.02 8.57 15.87
C LEU A 52 -16.70 9.23 16.27
N GLU A 53 -16.70 10.55 16.47
CA GLU A 53 -15.46 11.29 16.83
C GLU A 53 -15.11 11.05 18.31
N LYS A 54 -16.13 10.94 19.16
CA LYS A 54 -15.99 10.79 20.63
C LYS A 54 -14.95 9.72 21.06
N ASP A 55 -15.06 8.48 20.60
CA ASP A 55 -14.13 7.39 21.03
C ASP A 55 -12.89 7.21 20.13
N ALA A 56 -12.60 8.14 19.22
CA ALA A 56 -11.39 7.98 18.36
C ALA A 56 -10.15 8.18 19.24
N PRO A 57 -8.97 7.59 18.93
CA PRO A 57 -8.77 6.73 17.76
C PRO A 57 -9.37 5.32 17.91
N TYR A 58 -9.44 4.58 16.80
CA TYR A 58 -10.02 3.21 16.79
C TYR A 58 -9.02 2.17 16.26
N MET A 59 -9.42 0.90 16.39
CA MET A 59 -8.63 -0.25 15.90
C MET A 59 -9.27 -0.69 14.58
N VAL A 60 -8.48 -1.12 13.59
CA VAL A 60 -9.12 -1.63 12.34
C VAL A 60 -10.07 -2.75 12.78
N GLY A 61 -11.32 -2.72 12.31
CA GLY A 61 -12.31 -3.74 12.65
C GLY A 61 -13.31 -3.25 13.69
N ASP A 62 -13.05 -2.10 14.31
CA ASP A 62 -13.99 -1.58 15.33
C ASP A 62 -15.30 -1.22 14.64
N VAL A 63 -16.40 -1.46 15.35
CA VAL A 63 -17.76 -1.17 14.84
C VAL A 63 -18.40 -0.17 15.79
N ILE A 64 -18.73 1.01 15.29
CA ILE A 64 -19.39 2.07 16.13
C ILE A 64 -20.81 2.23 15.60
N THR A 65 -21.80 2.09 16.49
CA THR A 65 -23.23 2.19 16.10
C THR A 65 -23.89 3.34 16.86
N SER A 66 -24.92 3.92 16.25
CA SER A 66 -25.72 5.06 16.80
C SER A 66 -26.92 5.22 15.86
N GLY A 67 -28.12 4.96 16.38
CA GLY A 67 -29.32 5.02 15.52
C GLY A 67 -29.26 3.90 14.49
N ASP A 68 -29.67 4.17 13.25
CA ASP A 68 -29.64 3.16 12.16
C ASP A 68 -28.31 3.26 11.41
N ILE A 69 -27.31 3.92 11.99
CA ILE A 69 -25.98 4.04 11.32
C ILE A 69 -24.96 3.13 12.01
N THR A 70 -24.26 2.33 11.20
CA THR A 70 -23.21 1.40 11.67
C THR A 70 -21.92 1.79 10.94
N CYS A 71 -20.87 2.11 11.69
CA CYS A 71 -19.57 2.49 11.06
C CYS A 71 -18.52 1.45 11.39
N VAL A 72 -17.89 0.87 10.36
CA VAL A 72 -16.83 -0.14 10.60
C VAL A 72 -15.50 0.49 10.17
N VAL A 73 -14.48 0.38 11.01
CA VAL A 73 -13.14 0.96 10.70
C VAL A 73 -12.42 -0.05 9.80
N ILE A 74 -12.13 0.33 8.55
CA ILE A 74 -11.45 -0.58 7.59
C ILE A 74 -9.97 -0.23 7.48
N PRO A 75 -9.12 -1.19 7.07
CA PRO A 75 -7.69 -0.93 6.91
C PRO A 75 -7.48 -0.16 5.60
N SER A 76 -6.24 0.29 5.36
CA SER A 76 -5.87 1.04 4.14
C SER A 76 -4.64 0.40 3.51
N LYS A 77 -4.56 0.34 2.17
CA LYS A 77 -3.35 -0.24 1.53
C LYS A 77 -2.14 0.62 1.88
N LYS A 78 -2.37 1.93 2.03
CA LYS A 78 -1.29 2.89 2.40
C LYS A 78 -0.61 2.41 3.69
N ALA A 79 -1.38 1.80 4.60
CA ALA A 79 -0.86 1.31 5.91
C ALA A 79 -0.50 -0.18 5.85
N GLY A 80 -0.65 -0.83 4.69
CA GLY A 80 -0.30 -2.25 4.55
C GLY A 80 -1.51 -3.17 4.50
N GLY A 81 -2.72 -2.64 4.49
CA GLY A 81 -3.94 -3.46 4.44
C GLY A 81 -3.98 -4.37 3.23
N THR A 82 -4.66 -5.51 3.35
CA THR A 82 -4.81 -6.50 2.24
C THR A 82 -6.30 -6.85 2.10
N THR A 83 -6.65 -7.63 1.08
CA THR A 83 -8.08 -8.00 0.89
C THR A 83 -8.53 -8.83 2.10
N GLU A 84 -7.67 -9.75 2.58
CA GLU A 84 -7.98 -10.61 3.75
C GLU A 84 -8.32 -9.70 4.94
N MET A 85 -7.47 -8.70 5.21
CA MET A 85 -7.68 -7.74 6.33
C MET A 85 -9.00 -7.01 6.12
N LEU A 86 -9.30 -6.61 4.88
CA LEU A 86 -10.57 -5.89 4.56
C LEU A 86 -11.76 -6.81 4.84
N SER A 87 -11.71 -8.03 4.31
CA SER A 87 -12.81 -9.02 4.52
C SER A 87 -13.00 -9.31 6.01
N ARG A 88 -11.89 -9.49 6.74
CA ARG A 88 -11.96 -9.81 8.19
C ARG A 88 -12.61 -8.66 8.96
N ALA A 89 -12.39 -7.41 8.54
CA ALA A 89 -12.97 -6.23 9.22
C ALA A 89 -14.49 -6.16 8.99
N LEU A 90 -14.94 -6.49 7.78
CA LEU A 90 -16.40 -6.44 7.47
C LEU A 90 -17.13 -7.59 8.18
N LYS A 91 -16.46 -8.71 8.43
CA LYS A 91 -17.13 -9.84 9.12
C LYS A 91 -17.45 -9.43 10.56
N LYS A 92 -16.80 -8.38 11.06
CA LYS A 92 -17.05 -7.90 12.45
C LYS A 92 -18.40 -7.18 12.51
N VAL A 93 -18.88 -6.71 11.36
CA VAL A 93 -20.21 -6.02 11.25
C VAL A 93 -21.32 -7.05 11.48
N PRO A 94 -22.26 -6.81 12.44
CA PRO A 94 -23.35 -7.75 12.70
C PRO A 94 -24.18 -8.09 11.44
N VAL A 95 -24.34 -9.39 11.17
CA VAL A 95 -25.11 -9.90 9.99
C VAL A 95 -26.48 -9.26 9.96
N ASP A 96 -26.80 -8.56 8.86
CA ASP A 96 -28.12 -7.88 8.75
C ASP A 96 -28.24 -7.29 7.33
N GLU A 97 -29.32 -6.52 7.08
CA GLU A 97 -29.61 -5.85 5.79
C GLU A 97 -29.10 -4.42 5.89
N TYR A 98 -28.16 -4.02 5.02
CA TYR A 98 -27.62 -2.64 5.11
C TYR A 98 -27.50 -1.97 3.73
N ILE A 99 -27.69 -0.65 3.72
CA ILE A 99 -27.51 0.14 2.47
C ILE A 99 -26.03 0.57 2.55
N THR A 100 -25.27 0.41 1.48
CA THR A 100 -23.84 0.77 1.62
C THR A 100 -23.23 1.15 0.26
N THR A 101 -21.91 1.35 0.26
CA THR A 101 -21.11 1.71 -0.93
C THR A 101 -19.91 0.77 -0.97
N TYR A 102 -19.22 0.65 -2.10
CA TYR A 102 -18.05 -0.27 -2.12
C TYR A 102 -16.91 0.41 -1.36
N PRO A 103 -16.34 -0.26 -0.34
CA PRO A 103 -15.25 0.32 0.47
C PRO A 103 -13.84 0.39 -0.13
N GLY A 104 -13.11 1.47 0.19
CA GLY A 104 -11.73 1.76 -0.24
C GLY A 104 -11.55 1.83 -1.75
N GLN A 105 -12.28 2.72 -2.43
CA GLN A 105 -12.22 2.85 -3.92
C GLN A 105 -11.48 4.14 -4.32
N GLY A 106 -10.48 4.55 -3.53
CA GLY A 106 -9.72 5.78 -3.85
C GLY A 106 -8.42 5.46 -4.57
N CYS A 107 -7.52 6.43 -4.69
CA CYS A 107 -6.22 6.23 -5.36
C CYS A 107 -5.35 5.30 -4.50
N ALA A 108 -4.74 4.29 -5.11
CA ALA A 108 -3.87 3.33 -4.38
C ALA A 108 -4.71 2.61 -3.31
N GLY A 109 -6.03 2.70 -3.41
CA GLY A 109 -6.95 2.01 -2.46
C GLY A 109 -7.30 0.64 -2.98
N TYR A 110 -8.28 -0.02 -2.37
CA TYR A 110 -8.69 -1.37 -2.83
C TYR A 110 -9.41 -1.26 -4.18
N THR A 111 -9.24 -2.25 -5.06
CA THR A 111 -9.92 -2.22 -6.38
C THR A 111 -11.39 -2.59 -6.17
N LEU A 112 -12.23 -2.35 -7.18
CA LEU A 112 -13.68 -2.66 -7.10
C LEU A 112 -13.90 -4.14 -6.77
N GLU A 113 -13.21 -5.03 -7.47
CA GLU A 113 -13.39 -6.49 -7.22
C GLU A 113 -12.92 -6.87 -5.81
N GLU A 114 -11.85 -6.23 -5.31
CA GLU A 114 -11.37 -6.54 -3.93
C GLU A 114 -12.47 -6.12 -2.94
N ALA A 115 -13.14 -5.00 -3.22
CA ALA A 115 -14.23 -4.50 -2.34
C ALA A 115 -15.40 -5.50 -2.39
N LYS A 116 -15.78 -5.95 -3.60
CA LYS A 116 -16.90 -6.92 -3.77
C LYS A 116 -16.55 -8.22 -3.04
N THR A 117 -15.30 -8.65 -3.15
CA THR A 117 -14.81 -9.89 -2.49
C THR A 117 -15.08 -9.82 -0.98
N ALA A 118 -14.71 -8.69 -0.35
CA ALA A 118 -14.90 -8.47 1.10
C ALA A 118 -16.38 -8.56 1.48
N LEU A 119 -17.26 -7.91 0.70
CA LEU A 119 -18.72 -7.94 0.98
C LEU A 119 -19.31 -9.36 0.76
N LYS A 120 -18.73 -10.13 -0.17
CA LYS A 120 -19.26 -11.52 -0.43
C LYS A 120 -18.99 -12.40 0.79
N LYS A 121 -17.75 -12.40 1.30
N LYS A 121 -17.78 -12.35 1.35
CA LYS A 121 -17.33 -13.21 2.48
CA LYS A 121 -17.45 -13.13 2.57
C LYS A 121 -18.20 -12.85 3.68
C LYS A 121 -17.84 -12.23 3.76
N CYS A 122 -18.79 -11.65 3.66
N CYS A 122 -19.15 -12.06 4.01
CA CYS A 122 -19.70 -11.21 4.74
CA CYS A 122 -19.61 -11.19 5.13
C CYS A 122 -21.06 -11.87 4.46
C CYS A 122 -20.94 -11.72 5.70
N LYS A 123 -21.72 -12.41 5.47
N LYS A 123 -21.70 -12.43 4.85
CA LYS A 123 -23.03 -13.07 5.24
CA LYS A 123 -23.00 -13.07 5.20
C LYS A 123 -24.17 -12.04 5.32
C LYS A 123 -24.15 -12.04 5.31
N SER A 124 -23.87 -10.75 5.14
CA SER A 124 -24.93 -9.70 5.21
C SER A 124 -25.54 -9.46 3.83
N ALA A 125 -26.70 -8.78 3.81
CA ALA A 125 -27.40 -8.41 2.57
C ALA A 125 -27.09 -6.95 2.31
N PHE A 126 -26.43 -6.63 1.20
CA PHE A 126 -26.06 -5.21 0.95
C PHE A 126 -26.77 -4.63 -0.28
N TYR A 127 -27.22 -3.39 -0.12
CA TYR A 127 -27.90 -2.61 -1.17
C TYR A 127 -26.92 -1.48 -1.49
N VAL A 128 -26.14 -1.65 -2.57
CA VAL A 128 -25.10 -0.66 -2.93
C VAL A 128 -25.67 0.41 -3.87
N LEU A 129 -25.39 1.68 -3.54
CA LEU A 129 -25.83 2.84 -4.35
C LEU A 129 -24.65 3.24 -5.23
N PRO A 130 -24.87 3.76 -6.47
CA PRO A 130 -23.77 4.25 -7.28
C PRO A 130 -23.00 5.43 -6.68
N SER A 131 -21.67 5.38 -6.78
CA SER A 131 -20.85 6.55 -6.34
C SER A 131 -20.33 7.27 -7.58
N GLU A 132 -21.22 7.95 -8.31
CA GLU A 132 -20.81 8.72 -9.51
C GLU A 132 -19.70 9.69 -9.13
N ALA A 133 -18.59 9.65 -9.87
CA ALA A 133 -17.39 10.44 -9.51
C ALA A 133 -17.65 11.93 -9.34
N PRO A 134 -17.08 12.58 -8.30
CA PRO A 134 -17.26 14.02 -8.10
C PRO A 134 -16.60 14.85 -9.20
N ASN A 135 -17.36 15.77 -9.81
CA ASN A 135 -16.79 16.68 -10.84
C ASN A 135 -16.21 15.89 -12.02
N ALA A 136 -16.59 14.63 -12.23
CA ALA A 136 -16.07 13.84 -13.38
C ALA A 136 -16.60 14.40 -14.70
N LYS A 137 -17.83 14.92 -14.71
CA LYS A 137 -18.44 15.50 -15.93
C LYS A 137 -17.65 16.76 -16.36
N GLU A 138 -16.92 17.38 -15.44
CA GLU A 138 -16.11 18.60 -15.73
C GLU A 138 -14.69 18.19 -16.14
N GLU A 139 -14.15 17.15 -15.50
CA GLU A 139 -12.77 16.65 -15.78
C GLU A 139 -12.67 16.09 -17.20
N ILE A 140 -13.75 15.53 -17.76
CA ILE A 140 -13.71 14.95 -19.14
C ILE A 140 -13.46 16.04 -20.19
N LEU A 141 -13.94 17.27 -19.96
CA LEU A 141 -13.73 18.39 -20.93
C LEU A 141 -12.25 18.76 -21.02
N GLY A 142 -11.46 18.42 -19.99
CA GLY A 142 -10.02 18.74 -20.01
C GLY A 142 -9.20 17.64 -20.63
N THR A 143 -9.86 16.55 -21.05
CA THR A 143 -9.10 15.41 -21.65
C THR A 143 -8.79 15.72 -23.11
N VAL A 144 -7.52 15.57 -23.48
CA VAL A 144 -7.05 15.82 -24.87
C VAL A 144 -5.97 14.79 -25.18
N SER A 145 -5.44 14.83 -26.40
CA SER A 145 -4.35 13.92 -26.84
C SER A 145 -3.32 14.79 -27.57
N TRP A 146 -2.49 15.49 -26.81
CA TRP A 146 -1.45 16.37 -27.40
C TRP A 146 -0.05 15.77 -27.23
N ASN A 147 0.86 16.07 -28.16
CA ASN A 147 2.25 15.54 -28.07
C ASN A 147 2.97 16.39 -27.02
N LEU A 148 4.21 16.04 -26.67
CA LEU A 148 4.96 16.80 -25.63
C LEU A 148 5.12 18.25 -26.08
N ARG A 149 5.54 18.45 -27.33
CA ARG A 149 5.74 19.81 -27.89
C ARG A 149 4.50 20.69 -27.69
N GLU A 150 3.31 20.16 -28.01
CA GLU A 150 2.02 20.89 -27.84
C GLU A 150 1.77 21.18 -26.35
N MET A 151 1.97 20.19 -25.49
CA MET A 151 1.74 20.39 -24.02
C MET A 151 2.66 21.52 -23.51
N LEU A 152 3.95 21.45 -23.85
CA LEU A 152 4.90 22.51 -23.41
C LEU A 152 4.47 23.88 -23.91
N ALA A 153 4.10 23.97 -25.19
CA ALA A 153 3.66 25.25 -25.81
C ALA A 153 2.46 25.80 -25.04
N HIS A 154 1.47 24.96 -24.79
CA HIS A 154 0.24 25.38 -24.07
C HIS A 154 0.59 25.86 -22.67
N ALA A 155 1.49 25.14 -21.98
CA ALA A 155 1.89 25.52 -20.60
C ALA A 155 2.59 26.88 -20.55
N GLU A 156 3.55 27.17 -21.45
CA GLU A 156 4.23 28.50 -21.37
C GLU A 156 3.30 29.61 -21.88
N GLU A 157 2.43 29.29 -22.82
CA GLU A 157 1.49 30.29 -23.40
C GLU A 157 0.40 30.61 -22.37
N THR A 158 0.09 29.68 -21.47
CA THR A 158 -0.96 29.88 -20.44
C THR A 158 -0.40 30.04 -19.03
N ARG A 159 0.91 29.82 -18.83
CA ARG A 159 1.48 29.99 -17.46
C ARG A 159 0.96 28.92 -16.50
N LYS A 160 0.58 27.74 -17.00
CA LYS A 160 0.04 26.67 -16.11
C LYS A 160 1.19 25.79 -15.60
N LEU A 161 0.94 25.13 -14.47
CA LEU A 161 1.93 24.22 -13.85
C LEU A 161 1.93 22.94 -14.67
N MET A 162 3.11 22.39 -14.96
CA MET A 162 3.13 21.14 -15.78
C MET A 162 3.90 20.06 -15.03
N PRO A 163 3.20 19.12 -14.36
CA PRO A 163 3.86 18.02 -13.66
C PRO A 163 4.62 17.18 -14.70
N ILE A 164 5.83 16.76 -14.34
CA ILE A 164 6.71 15.96 -15.23
C ILE A 164 7.44 14.91 -14.39
N CYS A 165 7.49 13.68 -14.89
CA CYS A 165 8.21 12.59 -14.18
C CYS A 165 9.68 12.64 -14.63
N MET A 166 10.59 12.94 -13.69
CA MET A 166 12.05 13.06 -13.95
C MET A 166 12.65 11.74 -14.49
N ASP A 167 11.98 10.62 -14.24
CA ASP A 167 12.47 9.28 -14.65
C ASP A 167 12.30 9.07 -16.17
N VAL A 168 11.57 9.96 -16.85
CA VAL A 168 11.34 9.83 -18.32
C VAL A 168 12.41 10.68 -19.01
N ARG A 169 13.56 10.07 -19.30
CA ARG A 169 14.72 10.73 -19.93
C ARG A 169 14.33 11.54 -21.19
N ALA A 170 13.62 10.93 -22.14
CA ALA A 170 13.23 11.61 -23.39
C ALA A 170 12.50 12.93 -23.09
N ILE A 171 11.59 12.95 -22.12
CA ILE A 171 10.86 14.21 -21.79
C ILE A 171 11.85 15.23 -21.22
N MET A 172 12.71 14.82 -20.29
CA MET A 172 13.69 15.78 -19.70
C MET A 172 14.61 16.32 -20.80
N ALA A 173 15.02 15.48 -21.76
CA ALA A 173 15.90 15.94 -22.86
C ALA A 173 15.21 17.06 -23.66
N THR A 174 13.93 16.89 -23.98
CA THR A 174 13.16 17.91 -24.75
C THR A 174 13.07 19.21 -23.94
N ILE A 175 12.70 19.11 -22.66
CA ILE A 175 12.57 20.30 -21.78
C ILE A 175 13.92 21.00 -21.65
N GLN A 176 15.02 20.25 -21.54
CA GLN A 176 16.36 20.88 -21.37
C GLN A 176 16.85 21.47 -22.70
N ARG A 177 16.37 20.98 -23.85
CA ARG A 177 16.81 21.57 -25.15
C ARG A 177 16.00 22.84 -25.42
N LYS A 178 14.69 22.82 -25.13
CA LYS A 178 13.83 24.01 -25.37
C LYS A 178 14.18 25.12 -24.36
N TYR A 179 14.16 24.79 -23.06
CA TYR A 179 14.45 25.76 -21.99
C TYR A 179 15.89 25.55 -21.52
N LYS A 180 16.84 25.99 -22.34
CA LYS A 180 18.30 25.85 -22.09
C LYS A 180 18.68 26.50 -20.76
N GLY A 181 19.33 25.75 -19.86
CA GLY A 181 19.77 26.25 -18.54
C GLY A 181 18.72 26.09 -17.45
N ILE A 182 17.54 25.54 -17.77
CA ILE A 182 16.46 25.34 -16.76
C ILE A 182 17.03 24.49 -15.62
N LYS A 183 16.80 24.93 -14.39
CA LYS A 183 17.31 24.25 -13.16
C LYS A 183 16.46 23.01 -12.87
N ILE A 184 16.98 21.82 -13.19
CA ILE A 184 16.23 20.56 -12.90
C ILE A 184 16.35 20.30 -11.40
N GLN A 185 15.22 20.10 -10.74
CA GLN A 185 15.17 19.86 -9.28
C GLN A 185 13.82 19.26 -8.92
N GLU A 186 13.79 18.31 -7.99
CA GLU A 186 12.52 17.68 -7.54
C GLU A 186 11.64 18.78 -6.94
N GLY A 187 10.37 18.87 -7.36
CA GLY A 187 9.43 19.88 -6.83
C GLY A 187 9.17 21.01 -7.82
N ILE A 188 8.71 22.17 -7.33
CA ILE A 188 8.41 23.35 -8.20
C ILE A 188 9.70 23.96 -8.74
N VAL A 189 9.67 24.33 -10.02
CA VAL A 189 10.78 24.98 -10.76
C VAL A 189 10.06 26.06 -11.59
N ASP A 190 10.37 27.33 -11.33
CA ASP A 190 9.62 28.40 -12.02
C ASP A 190 10.54 29.51 -12.54
N TYR A 191 10.59 29.64 -13.88
CA TYR A 191 11.37 30.70 -14.59
C TYR A 191 10.65 30.91 -15.93
N GLY A 192 9.65 31.80 -15.92
CA GLY A 192 8.83 32.05 -17.12
C GLY A 192 7.82 30.92 -17.23
N VAL A 193 8.34 29.70 -17.41
CA VAL A 193 7.54 28.45 -17.50
C VAL A 193 7.65 27.74 -16.14
N ARG A 194 6.56 27.20 -15.60
CA ARG A 194 6.67 26.53 -14.28
C ARG A 194 6.40 25.04 -14.43
N PHE A 195 7.24 24.22 -13.82
CA PHE A 195 7.10 22.73 -13.85
C PHE A 195 7.02 22.16 -12.43
N PHE A 196 6.53 20.92 -12.33
CA PHE A 196 6.47 20.21 -11.01
C PHE A 196 7.09 18.83 -11.26
N PHE A 197 8.39 18.71 -10.96
CA PHE A 197 9.13 17.45 -11.18
C PHE A 197 8.89 16.47 -10.02
N TYR A 198 8.71 15.20 -10.38
CA TYR A 198 8.47 14.10 -9.42
C TYR A 198 9.14 12.82 -9.95
N THR A 199 9.41 11.86 -9.06
CA THR A 199 10.05 10.56 -9.43
C THR A 199 9.03 9.43 -9.30
N SER A 200 9.35 8.25 -9.82
CA SER A 200 8.43 7.08 -9.73
C SER A 200 8.53 6.48 -8.32
N LYS A 201 9.47 6.95 -7.49
CA LYS A 201 9.62 6.42 -6.11
C LYS A 201 8.62 7.16 -5.20
N GLU A 202 8.08 8.28 -5.68
CA GLU A 202 7.08 9.07 -4.91
C GLU A 202 5.70 8.52 -5.23
N PRO A 203 4.92 8.07 -4.22
CA PRO A 203 3.59 7.53 -4.45
C PRO A 203 2.69 8.47 -5.26
N VAL A 204 1.91 7.90 -6.18
CA VAL A 204 0.99 8.72 -7.03
C VAL A 204 0.04 9.51 -6.13
N ALA A 205 -0.48 8.86 -5.08
CA ALA A 205 -1.42 9.51 -4.14
C ALA A 205 -0.76 10.72 -3.47
N SER A 206 0.56 10.66 -3.28
CA SER A 206 1.30 11.77 -2.64
C SER A 206 1.43 12.94 -3.62
N ILE A 207 1.75 12.63 -4.88
CA ILE A 207 1.92 13.66 -5.95
C ILE A 207 0.60 14.41 -6.12
N ILE A 208 -0.51 13.68 -6.22
CA ILE A 208 -1.86 14.30 -6.39
C ILE A 208 -2.20 15.17 -5.17
N THR A 209 -1.86 14.71 -3.96
CA THR A 209 -2.12 15.49 -2.73
C THR A 209 -1.36 16.82 -2.80
N LYS A 210 -0.12 16.81 -3.31
CA LYS A 210 0.70 18.04 -3.42
C LYS A 210 0.10 18.96 -4.49
N LEU A 211 -0.38 18.40 -5.61
CA LEU A 211 -0.99 19.22 -6.69
C LEU A 211 -2.29 19.88 -6.20
N ASN A 212 -3.11 19.12 -5.46
CA ASN A 212 -4.38 19.68 -4.91
C ASN A 212 -4.03 20.81 -3.94
N SER A 213 -2.93 20.63 -3.18
CA SER A 213 -2.47 21.65 -2.20
C SER A 213 -2.10 22.95 -2.92
N LEU A 214 -1.34 22.85 -4.01
CA LEU A 214 -0.95 24.04 -4.82
C LEU A 214 -2.22 24.66 -5.42
N ASN A 215 -3.12 23.78 -5.88
CA ASN A 215 -4.42 24.16 -6.50
C ASN A 215 -4.17 25.16 -7.65
N GLU A 216 -3.21 24.87 -8.53
CA GLU A 216 -2.90 25.76 -9.68
C GLU A 216 -3.37 25.07 -10.96
N PRO A 217 -3.80 25.82 -12.00
CA PRO A 217 -4.24 25.21 -13.25
C PRO A 217 -3.12 24.31 -13.79
N LEU A 218 -3.47 23.10 -14.21
CA LEU A 218 -2.44 22.14 -14.71
C LEU A 218 -2.65 21.77 -16.17
N VAL A 219 -1.59 21.16 -16.70
CA VAL A 219 -1.46 20.55 -18.05
C VAL A 219 -0.58 19.35 -17.71
N THR A 220 -1.15 18.15 -17.78
CA THR A 220 -0.36 16.97 -17.37
C THR A 220 -0.77 15.71 -18.10
N MET A 221 0.02 14.66 -17.89
CA MET A 221 -0.23 13.32 -18.44
C MET A 221 -0.84 12.56 -17.29
N PRO A 222 -1.59 11.46 -17.52
CA PRO A 222 -2.17 10.69 -16.42
C PRO A 222 -1.01 10.35 -15.48
N ILE A 223 -1.05 10.89 -14.26
CA ILE A 223 0.04 10.64 -13.28
C ILE A 223 0.10 9.15 -12.89
N GLY A 224 1.30 8.57 -12.96
CA GLY A 224 1.55 7.16 -12.60
C GLY A 224 1.57 6.24 -13.81
N TYR A 225 0.91 6.65 -14.90
CA TYR A 225 0.84 5.83 -16.13
C TYR A 225 2.25 5.56 -16.68
N VAL A 226 2.58 4.26 -16.76
CA VAL A 226 3.89 3.73 -17.26
C VAL A 226 4.99 3.97 -16.22
N THR A 227 5.13 5.21 -15.74
CA THR A 227 6.17 5.60 -14.75
C THR A 227 6.18 4.67 -13.53
N HIS A 228 5.07 4.62 -12.80
CA HIS A 228 4.92 3.80 -11.56
C HIS A 228 4.37 2.40 -11.87
N GLY A 229 4.31 2.01 -13.15
CA GLY A 229 3.79 0.67 -13.54
C GLY A 229 2.28 0.65 -13.71
N PHE A 230 1.60 1.78 -13.42
CA PHE A 230 0.12 1.91 -13.55
C PHE A 230 -0.32 1.86 -15.02
N ASN A 231 -1.43 1.20 -15.32
CA ASN A 231 -1.94 1.19 -16.71
C ASN A 231 -2.87 2.41 -16.83
N LEU A 232 -3.54 2.59 -17.96
CA LEU A 232 -4.40 3.80 -18.12
C LEU A 232 -5.59 3.76 -17.14
N GLU A 233 -6.19 2.58 -16.90
CA GLU A 233 -7.35 2.53 -15.97
C GLU A 233 -6.93 2.90 -14.54
N GLU A 234 -5.79 2.37 -14.07
CA GLU A 234 -5.27 2.64 -12.69
C GLU A 234 -4.91 4.13 -12.55
N ALA A 235 -4.26 4.72 -13.56
CA ALA A 235 -3.90 6.14 -13.47
C ALA A 235 -5.19 6.99 -13.42
N ALA A 236 -6.22 6.55 -14.17
CA ALA A 236 -7.52 7.27 -14.22
C ALA A 236 -8.17 7.26 -12.84
N ARG A 237 -8.13 6.13 -12.11
CA ARG A 237 -8.75 6.05 -10.76
C ARG A 237 -8.10 7.10 -9.84
N CYS A 238 -6.79 7.31 -9.97
CA CYS A 238 -6.09 8.30 -9.12
C CYS A 238 -6.38 9.73 -9.57
N MET A 239 -6.44 9.98 -10.88
CA MET A 239 -6.72 11.34 -11.40
C MET A 239 -8.12 11.81 -10.95
N ARG A 240 -9.01 10.90 -10.54
CA ARG A 240 -10.36 11.29 -10.05
C ARG A 240 -10.19 12.18 -8.80
N SER A 241 -9.12 11.94 -8.04
CA SER A 241 -8.81 12.69 -6.79
C SER A 241 -8.27 14.09 -7.12
N LEU A 242 -7.71 14.27 -8.32
CA LEU A 242 -7.14 15.59 -8.70
C LEU A 242 -8.27 16.63 -8.71
N LYS A 243 -8.27 17.54 -7.74
CA LYS A 243 -9.32 18.60 -7.64
C LYS A 243 -8.85 19.85 -8.38
N ALA A 244 -7.53 20.02 -8.53
CA ALA A 244 -6.98 21.21 -9.23
C ALA A 244 -7.46 21.21 -10.68
N PRO A 245 -7.72 22.39 -11.30
CA PRO A 245 -8.18 22.43 -12.69
C PRO A 245 -7.08 21.78 -13.56
N ALA A 246 -7.45 20.97 -14.56
CA ALA A 246 -6.36 20.34 -15.32
C ALA A 246 -6.76 19.89 -16.73
N VAL A 247 -5.82 20.03 -17.66
CA VAL A 247 -5.92 19.56 -19.06
C VAL A 247 -5.10 18.27 -19.04
N VAL A 248 -5.75 17.13 -19.27
CA VAL A 248 -5.03 15.82 -19.21
C VAL A 248 -4.83 15.32 -20.63
N SER A 249 -3.58 15.02 -20.99
CA SER A 249 -3.22 14.53 -22.34
C SER A 249 -2.96 13.02 -22.31
N VAL A 250 -3.64 12.26 -23.17
CA VAL A 250 -3.43 10.78 -23.26
C VAL A 250 -2.58 10.52 -24.52
N SER A 251 -1.87 9.39 -24.53
CA SER A 251 -0.93 9.00 -25.63
C SER A 251 -1.59 9.07 -27.03
N SER A 252 -2.89 8.79 -27.15
CA SER A 252 -3.54 8.87 -28.49
C SER A 252 -5.00 9.26 -28.35
N PRO A 253 -5.62 9.80 -29.44
CA PRO A 253 -7.02 10.24 -29.40
C PRO A 253 -7.99 9.11 -29.07
N ASP A 254 -7.66 7.88 -29.47
CA ASP A 254 -8.53 6.70 -29.18
C ASP A 254 -8.54 6.45 -27.67
N ALA A 255 -7.49 6.90 -26.97
CA ALA A 255 -7.40 6.71 -25.51
C ALA A 255 -8.27 7.76 -24.80
N VAL A 256 -8.65 8.84 -25.48
CA VAL A 256 -9.47 9.90 -24.84
C VAL A 256 -10.83 9.32 -24.43
N THR A 257 -11.56 8.70 -25.37
CA THR A 257 -12.89 8.11 -25.04
C THR A 257 -12.73 7.04 -23.94
N THR A 258 -11.69 6.22 -24.04
CA THR A 258 -11.43 5.14 -23.04
C THR A 258 -11.13 5.77 -21.67
N TYR A 259 -10.21 6.75 -21.62
CA TYR A 259 -9.83 7.44 -20.36
C TYR A 259 -11.06 8.09 -19.74
N ASN A 260 -11.76 8.94 -20.50
CA ASN A 260 -12.97 9.61 -19.97
C ASN A 260 -13.93 8.54 -19.44
N GLY A 261 -13.99 7.38 -20.10
CA GLY A 261 -14.86 6.28 -19.64
C GLY A 261 -14.52 5.87 -18.23
N TYR A 262 -13.23 5.63 -17.94
CA TYR A 262 -12.81 5.22 -16.58
C TYR A 262 -13.06 6.35 -15.58
N LEU A 263 -12.89 7.59 -16.04
CA LEU A 263 -13.04 8.81 -15.20
C LEU A 263 -14.50 9.02 -14.75
N THR A 264 -15.49 8.41 -15.42
CA THR A 264 -16.93 8.62 -15.06
C THR A 264 -17.68 7.35 -14.67
N SER A 265 -17.03 6.19 -14.59
CA SER A 265 -17.77 4.95 -14.24
C SER A 265 -18.17 4.95 -12.75
N SER A 266 -19.11 4.06 -12.37
CA SER A 266 -19.60 3.93 -10.97
C SER A 266 -18.89 2.75 -10.28
N ILE B 5 9.59 -24.86 -22.59
CA ILE B 5 9.94 -25.23 -21.19
C ILE B 5 8.67 -25.21 -20.33
N LYS B 6 8.63 -26.02 -19.27
CA LYS B 6 7.46 -26.14 -18.36
C LYS B 6 7.54 -25.10 -17.25
N ALA B 7 6.55 -24.20 -17.19
CA ALA B 7 6.46 -23.14 -16.15
C ALA B 7 6.35 -23.78 -14.76
N CYS B 8 7.19 -23.34 -13.82
CA CYS B 8 7.15 -23.89 -12.43
C CYS B 8 7.94 -22.98 -11.48
N ILE B 9 7.74 -23.17 -10.18
CA ILE B 9 8.44 -22.39 -9.11
C ILE B 9 8.96 -23.42 -8.11
N ASP B 10 10.23 -23.80 -8.22
N ASP B 10 10.24 -23.78 -8.22
CA ASP B 10 10.83 -24.80 -7.29
CA ASP B 10 10.88 -24.78 -7.33
C ASP B 10 11.66 -24.06 -6.24
C ASP B 10 11.69 -24.07 -6.23
N GLU B 11 11.21 -24.11 -4.98
CA GLU B 11 11.92 -23.45 -3.85
C GLU B 11 13.02 -24.41 -3.39
N VAL B 12 14.28 -24.12 -3.75
CA VAL B 12 15.43 -24.99 -3.37
C VAL B 12 16.13 -24.39 -2.14
N THR B 13 16.94 -25.20 -1.45
CA THR B 13 17.71 -24.77 -0.25
C THR B 13 19.20 -24.84 -0.57
N THR B 14 19.53 -25.30 -1.79
CA THR B 14 20.93 -25.43 -2.25
C THR B 14 21.59 -24.06 -2.40
N THR B 15 22.93 -24.03 -2.44
CA THR B 15 23.68 -22.76 -2.60
C THR B 15 23.44 -22.22 -4.01
N LEU B 16 23.79 -20.96 -4.25
CA LEU B 16 23.62 -20.33 -5.58
C LEU B 16 24.50 -21.07 -6.60
N GLU B 17 25.77 -21.28 -6.26
CA GLU B 17 26.75 -21.94 -7.16
C GLU B 17 26.26 -23.31 -7.62
N GLU B 18 25.66 -24.11 -6.73
CA GLU B 18 25.19 -25.45 -7.19
C GLU B 18 23.92 -25.27 -8.02
N THR B 19 23.05 -24.37 -7.59
CA THR B 19 21.78 -24.12 -8.33
C THR B 19 22.14 -23.78 -9.78
N LYS B 20 23.26 -23.08 -10.02
CA LYS B 20 23.67 -22.68 -11.40
C LYS B 20 23.87 -23.91 -12.31
N PHE B 21 24.12 -25.10 -11.75
CA PHE B 21 24.26 -26.27 -12.65
C PHE B 21 22.93 -26.57 -13.34
N LEU B 22 21.82 -26.27 -12.64
CA LEU B 22 20.45 -26.47 -13.17
C LEU B 22 20.20 -25.44 -14.28
N THR B 23 20.57 -24.19 -14.04
CA THR B 23 20.44 -23.08 -15.01
C THR B 23 21.38 -21.94 -14.58
N ASN B 24 22.10 -21.37 -15.55
CA ASN B 24 23.07 -20.27 -15.32
C ASN B 24 22.38 -18.90 -15.37
N LYS B 25 21.16 -18.84 -15.92
CA LYS B 25 20.45 -17.54 -16.05
C LYS B 25 19.85 -17.12 -14.70
N LEU B 26 20.05 -15.83 -14.36
CA LEU B 26 19.54 -15.24 -13.10
C LEU B 26 18.50 -14.16 -13.42
N LEU B 27 17.40 -14.13 -12.68
CA LEU B 27 16.39 -13.04 -12.87
C LEU B 27 16.53 -12.12 -11.66
N LEU B 28 17.10 -10.92 -11.86
CA LEU B 28 17.28 -9.94 -10.77
C LEU B 28 16.17 -8.89 -10.88
N PHE B 29 15.90 -8.21 -9.75
CA PHE B 29 14.86 -7.15 -9.74
C PHE B 29 15.52 -5.83 -9.39
N ALA B 30 15.17 -4.77 -10.14
CA ALA B 30 15.74 -3.43 -9.90
C ALA B 30 14.62 -2.41 -9.76
N ASP B 31 14.93 -1.25 -9.15
CA ASP B 31 13.92 -0.19 -8.99
C ASP B 31 14.02 0.70 -10.24
N ILE B 32 13.39 1.87 -10.19
CA ILE B 32 13.34 2.86 -11.30
C ILE B 32 14.73 3.39 -11.67
N ASN B 33 15.63 3.53 -10.69
CA ASN B 33 16.99 4.08 -10.91
C ASN B 33 18.01 2.98 -11.30
N GLY B 34 17.55 1.75 -11.53
CA GLY B 34 18.47 0.66 -11.90
C GLY B 34 19.20 0.11 -10.69
N LYS B 35 18.68 0.36 -9.48
CA LYS B 35 19.28 -0.14 -8.21
C LYS B 35 18.67 -1.51 -7.93
N LEU B 36 19.49 -2.54 -7.78
CA LEU B 36 18.96 -3.90 -7.50
C LEU B 36 18.37 -3.99 -6.09
N TYR B 37 17.34 -4.81 -5.92
CA TYR B 37 16.73 -5.04 -4.57
C TYR B 37 17.74 -5.89 -3.80
N HIS B 38 17.78 -5.74 -2.47
CA HIS B 38 18.73 -6.47 -1.60
C HIS B 38 18.92 -7.94 -2.01
N ASP B 39 17.85 -8.75 -2.02
CA ASP B 39 17.95 -10.20 -2.35
C ASP B 39 18.59 -10.42 -3.73
N SER B 40 18.29 -9.57 -4.70
CA SER B 40 18.89 -9.71 -6.06
C SER B 40 20.36 -9.29 -6.00
N GLN B 41 20.68 -8.29 -5.19
CA GLN B 41 22.08 -7.81 -5.07
C GLN B 41 22.95 -8.93 -4.46
N ASN B 42 22.34 -9.77 -3.62
CA ASN B 42 23.06 -10.88 -2.94
C ASN B 42 23.31 -12.05 -3.91
N MET B 43 22.82 -11.96 -5.16
CA MET B 43 23.05 -13.08 -6.10
C MET B 43 24.24 -12.76 -7.02
N LEU B 44 24.86 -11.58 -6.84
CA LEU B 44 26.01 -11.21 -7.70
C LEU B 44 27.30 -11.83 -7.13
N ARG B 45 28.21 -12.25 -8.02
CA ARG B 45 29.50 -12.87 -7.64
C ARG B 45 30.63 -12.17 -8.42
N GLY B 46 30.54 -10.82 -8.50
CA GLY B 46 31.56 -10.01 -9.19
C GLY B 46 31.23 -9.68 -10.63
N GLU B 47 30.02 -10.00 -11.11
CA GLU B 47 29.70 -9.66 -12.53
C GLU B 47 29.71 -8.13 -12.67
N ASP B 48 30.02 -7.65 -13.87
CA ASP B 48 30.05 -6.18 -14.16
C ASP B 48 28.60 -5.69 -14.30
N MET B 49 28.16 -4.80 -13.41
CA MET B 49 26.76 -4.27 -13.48
C MET B 49 26.75 -2.86 -14.08
N SER B 50 27.74 -2.52 -14.91
CA SER B 50 27.78 -1.17 -15.56
C SER B 50 26.63 -1.06 -16.55
N PHE B 51 26.30 -2.17 -17.24
CA PHE B 51 25.22 -2.20 -18.27
C PHE B 51 23.88 -1.75 -17.66
N LEU B 52 23.67 -2.03 -16.37
CA LEU B 52 22.40 -1.67 -15.68
C LEU B 52 22.38 -0.18 -15.32
N GLU B 53 23.54 0.37 -14.93
CA GLU B 53 23.65 1.79 -14.52
C GLU B 53 23.61 2.69 -15.76
N LYS B 54 24.19 2.22 -16.86
CA LYS B 54 24.31 2.95 -18.15
C LYS B 54 22.99 3.57 -18.62
N ASP B 55 21.92 2.77 -18.79
CA ASP B 55 20.64 3.31 -19.33
C ASP B 55 19.67 3.78 -18.24
N ALA B 56 20.07 3.88 -16.98
CA ALA B 56 19.12 4.36 -15.94
C ALA B 56 18.89 5.86 -16.17
N PRO B 57 17.73 6.45 -15.80
CA PRO B 57 16.62 5.74 -15.15
C PRO B 57 15.80 4.84 -16.09
N TYR B 58 14.98 3.96 -15.51
CA TYR B 58 14.15 3.02 -16.32
C TYR B 58 12.67 3.17 -15.99
N MET B 59 11.85 2.47 -16.77
CA MET B 59 10.38 2.52 -16.63
C MET B 59 9.95 1.18 -16.04
N VAL B 60 8.92 1.16 -15.18
CA VAL B 60 8.49 -0.16 -14.62
C VAL B 60 8.20 -1.08 -15.81
N GLY B 61 8.77 -2.29 -15.80
CA GLY B 61 8.55 -3.26 -16.89
C GLY B 61 9.74 -3.36 -17.83
N ASP B 62 10.70 -2.44 -17.73
CA ASP B 62 11.88 -2.51 -18.63
C ASP B 62 12.69 -3.79 -18.30
N VAL B 63 13.22 -4.46 -19.33
CA VAL B 63 14.02 -5.69 -19.14
C VAL B 63 15.43 -5.45 -19.69
N ILE B 64 16.45 -5.49 -18.85
CA ILE B 64 17.86 -5.26 -19.31
C ILE B 64 18.63 -6.59 -19.16
N THR B 65 19.29 -7.03 -20.24
CA THR B 65 20.06 -8.30 -20.20
C THR B 65 21.53 -8.02 -20.52
N SER B 66 22.42 -8.87 -19.99
CA SER B 66 23.89 -8.80 -20.16
C SER B 66 24.48 -10.08 -19.56
N GLY B 67 25.08 -10.93 -20.40
CA GLY B 67 25.64 -12.19 -19.89
C GLY B 67 24.51 -13.12 -19.46
N ASP B 68 24.66 -13.83 -18.35
CA ASP B 68 23.60 -14.75 -17.85
C ASP B 68 22.66 -13.98 -16.91
N ILE B 69 22.77 -12.65 -16.86
CA ILE B 69 21.91 -11.86 -15.94
C ILE B 69 20.79 -11.14 -16.70
N THR B 70 19.57 -11.28 -16.20
CA THR B 70 18.37 -10.61 -16.76
C THR B 70 17.80 -9.74 -15.63
N CYS B 71 17.66 -8.44 -15.85
CA CYS B 71 17.10 -7.53 -14.81
C CYS B 71 15.76 -6.96 -15.28
N VAL B 72 14.71 -7.14 -14.49
CA VAL B 72 13.38 -6.58 -14.85
C VAL B 72 13.07 -5.49 -13.81
N VAL B 73 12.66 -4.31 -14.28
CA VAL B 73 12.32 -3.19 -13.34
C VAL B 73 10.90 -3.43 -12.85
N ILE B 74 10.73 -3.66 -11.55
CA ILE B 74 9.37 -3.92 -10.96
C ILE B 74 8.86 -2.67 -10.24
N PRO B 75 7.53 -2.55 -10.05
CA PRO B 75 6.94 -1.42 -9.33
C PRO B 75 7.18 -1.61 -7.83
N SER B 76 6.80 -0.61 -7.01
CA SER B 76 7.02 -0.65 -5.55
C SER B 76 5.72 -0.43 -4.76
N LYS B 77 5.49 -1.22 -3.70
CA LYS B 77 4.28 -1.02 -2.87
C LYS B 77 4.37 0.37 -2.23
N LYS B 78 5.59 0.78 -1.89
CA LYS B 78 5.82 2.12 -1.26
C LYS B 78 5.25 3.21 -2.17
N ALA B 79 5.31 3.00 -3.50
CA ALA B 79 4.81 3.98 -4.50
C ALA B 79 3.37 3.68 -4.92
N GLY B 80 2.73 2.65 -4.34
CA GLY B 80 1.33 2.31 -4.67
C GLY B 80 1.20 1.13 -5.63
N GLY B 81 2.29 0.40 -5.86
CA GLY B 81 2.27 -0.76 -6.77
C GLY B 81 1.26 -1.81 -6.31
N THR B 82 0.75 -2.60 -7.26
CA THR B 82 -0.24 -3.67 -6.95
C THR B 82 0.25 -4.99 -7.57
N THR B 83 -0.42 -6.09 -7.24
CA THR B 83 -0.04 -7.41 -7.78
C THR B 83 -0.18 -7.39 -9.31
N GLU B 84 -1.26 -6.78 -9.81
CA GLU B 84 -1.52 -6.68 -11.28
C GLU B 84 -0.32 -6.01 -11.95
N MET B 85 0.11 -4.87 -11.40
CA MET B 85 1.26 -4.10 -11.93
C MET B 85 2.52 -4.98 -11.89
N LEU B 86 2.70 -5.73 -10.79
CA LEU B 86 3.88 -6.63 -10.64
C LEU B 86 3.84 -7.73 -11.70
N SER B 87 2.69 -8.40 -11.82
CA SER B 87 2.53 -9.50 -12.82
C SER B 87 2.75 -8.96 -14.24
N ARG B 88 2.19 -7.78 -14.55
CA ARG B 88 2.32 -7.18 -15.90
C ARG B 88 3.79 -6.89 -16.22
N ALA B 89 4.58 -6.51 -15.21
CA ALA B 89 6.02 -6.19 -15.42
C ALA B 89 6.81 -7.48 -15.72
N LEU B 90 6.49 -8.57 -15.01
CA LEU B 90 7.23 -9.85 -15.21
C LEU B 90 6.87 -10.50 -16.54
N LYS B 91 5.69 -10.18 -17.11
CA LYS B 91 5.30 -10.77 -18.42
C LYS B 91 6.29 -10.31 -19.50
N LYS B 92 7.03 -9.23 -19.23
CA LYS B 92 8.02 -8.70 -20.20
C LYS B 92 9.24 -9.64 -20.24
N VAL B 93 9.47 -10.39 -19.15
CA VAL B 93 10.65 -11.30 -19.03
C VAL B 93 10.54 -12.46 -20.00
N PRO B 94 11.54 -12.67 -20.90
CA PRO B 94 11.51 -13.79 -21.85
C PRO B 94 11.39 -15.16 -21.18
N VAL B 95 10.42 -15.97 -21.61
CA VAL B 95 10.17 -17.33 -21.05
C VAL B 95 11.48 -18.12 -21.10
N ASP B 96 11.95 -18.60 -19.94
CA ASP B 96 13.22 -19.38 -19.88
C ASP B 96 13.37 -19.97 -18.47
N GLU B 97 14.51 -20.63 -18.21
CA GLU B 97 14.85 -21.25 -16.89
C GLU B 97 15.71 -20.25 -16.11
N TYR B 98 15.24 -19.76 -14.96
CA TYR B 98 16.03 -18.76 -14.21
C TYR B 98 16.13 -19.04 -12.72
N ILE B 99 17.25 -18.62 -12.12
CA ILE B 99 17.41 -18.71 -10.65
C ILE B 99 16.89 -17.36 -10.15
N THR B 100 16.06 -17.33 -9.11
CA THR B 100 15.61 -15.99 -8.68
C THR B 100 15.25 -16.01 -7.19
N THR B 101 14.73 -14.89 -6.72
CA THR B 101 14.28 -14.67 -5.32
C THR B 101 12.89 -14.05 -5.37
N TYR B 102 12.14 -14.10 -4.27
CA TYR B 102 10.82 -13.43 -4.31
C TYR B 102 11.14 -11.95 -4.11
N PRO B 103 10.71 -11.05 -5.02
CA PRO B 103 11.02 -9.63 -4.91
C PRO B 103 10.43 -9.01 -3.62
N GLY B 104 9.54 -9.75 -2.97
CA GLY B 104 8.88 -9.35 -1.71
C GLY B 104 8.68 -10.56 -0.82
N GLN B 105 9.74 -11.00 -0.15
CA GLN B 105 9.70 -12.20 0.74
C GLN B 105 9.63 -11.77 2.22
N GLY B 106 9.85 -10.48 2.52
CA GLY B 106 9.80 -9.98 3.90
C GLY B 106 8.44 -9.37 4.21
N CYS B 107 8.30 -8.74 5.38
CA CYS B 107 7.02 -8.08 5.75
C CYS B 107 6.87 -6.81 4.89
N ALA B 108 8.00 -6.23 4.46
CA ALA B 108 8.01 -5.00 3.62
C ALA B 108 7.82 -5.38 2.15
N GLY B 109 7.22 -4.49 1.35
CA GLY B 109 6.98 -4.72 -0.08
C GLY B 109 5.87 -5.71 -0.33
N TYR B 110 5.90 -6.38 -1.49
CA TYR B 110 4.87 -7.38 -1.86
C TYR B 110 4.95 -8.60 -0.94
N THR B 111 3.81 -9.21 -0.64
CA THR B 111 3.79 -10.41 0.24
C THR B 111 4.28 -11.61 -0.58
N LEU B 112 4.61 -12.72 0.10
CA LEU B 112 5.11 -13.96 -0.56
C LEU B 112 4.14 -14.43 -1.65
N GLU B 113 2.84 -14.53 -1.31
CA GLU B 113 1.83 -15.03 -2.29
C GLU B 113 1.71 -14.06 -3.47
N GLU B 114 1.79 -12.74 -3.22
CA GLU B 114 1.69 -11.76 -4.33
C GLU B 114 2.88 -11.99 -5.28
N ALA B 115 4.05 -12.28 -4.71
CA ALA B 115 5.27 -12.52 -5.53
C ALA B 115 5.08 -13.80 -6.34
N LYS B 116 4.60 -14.88 -5.70
CA LYS B 116 4.39 -16.18 -6.39
C LYS B 116 3.38 -15.99 -7.52
N THR B 117 2.33 -15.21 -7.27
CA THR B 117 1.27 -14.95 -8.28
C THR B 117 1.90 -14.38 -9.56
N ALA B 118 2.76 -13.36 -9.40
CA ALA B 118 3.43 -12.70 -10.55
C ALA B 118 4.31 -13.69 -11.33
N LEU B 119 5.08 -14.52 -10.62
CA LEU B 119 5.97 -15.52 -11.26
C LEU B 119 5.14 -16.62 -11.95
N LYS B 120 3.93 -16.92 -11.46
CA LYS B 120 3.10 -17.97 -12.12
C LYS B 120 2.66 -17.48 -13.51
N LYS B 121 2.13 -16.26 -13.62
CA LYS B 121 1.70 -15.80 -14.98
C LYS B 121 2.91 -15.59 -15.90
N CYS B 122 4.12 -15.57 -15.35
CA CYS B 122 5.34 -15.34 -16.17
C CYS B 122 5.58 -16.49 -17.17
N LYS B 123 5.13 -17.71 -16.84
CA LYS B 123 5.26 -18.94 -17.71
C LYS B 123 6.71 -19.44 -17.76
N SER B 124 7.61 -18.87 -16.95
CA SER B 124 9.03 -19.33 -16.92
C SER B 124 9.22 -20.40 -15.84
N ALA B 125 10.37 -21.07 -15.85
CA ALA B 125 10.71 -22.11 -14.84
C ALA B 125 11.65 -21.43 -13.84
N PHE B 126 11.26 -21.33 -12.57
CA PHE B 126 12.12 -20.62 -11.59
C PHE B 126 12.63 -21.52 -10.47
N TYR B 127 13.88 -21.27 -10.08
CA TYR B 127 14.55 -21.95 -8.96
C TYR B 127 14.76 -20.82 -7.94
N VAL B 128 13.88 -20.75 -6.94
CA VAL B 128 13.93 -19.66 -5.93
C VAL B 128 14.83 -20.04 -4.75
N LEU B 129 15.67 -19.11 -4.32
CA LEU B 129 16.61 -19.27 -3.18
C LEU B 129 15.92 -18.72 -1.93
N PRO B 130 16.14 -19.34 -0.75
CA PRO B 130 15.53 -18.85 0.49
C PRO B 130 16.20 -17.56 0.99
N SER B 131 15.40 -16.54 1.31
CA SER B 131 15.94 -15.24 1.82
C SER B 131 14.80 -14.39 2.39
N ALA B 133 16.24 -16.61 6.55
CA ALA B 133 15.90 -17.83 7.32
C ALA B 133 15.79 -17.49 8.80
N PRO B 134 14.57 -17.18 9.32
CA PRO B 134 14.39 -16.82 10.72
C PRO B 134 14.48 -18.04 11.66
N ASN B 135 15.21 -17.88 12.78
CA ASN B 135 15.38 -18.95 13.79
C ASN B 135 14.10 -18.98 14.64
N ALA B 136 13.10 -19.70 14.15
CA ALA B 136 11.78 -19.82 14.81
C ALA B 136 11.88 -20.47 16.20
N LYS B 137 12.76 -21.46 16.38
CA LYS B 137 12.87 -22.14 17.70
C LYS B 137 13.38 -21.15 18.76
N GLU B 138 14.08 -20.09 18.33
CA GLU B 138 14.59 -19.03 19.27
C GLU B 138 13.53 -17.97 19.55
N GLU B 139 12.77 -17.59 18.52
CA GLU B 139 11.71 -16.55 18.64
C GLU B 139 10.60 -17.02 19.59
N ILE B 140 10.29 -18.31 19.56
CA ILE B 140 9.24 -18.94 20.42
C ILE B 140 9.55 -18.80 21.92
N LEU B 141 10.82 -18.87 22.30
CA LEU B 141 11.20 -18.80 23.74
C LEU B 141 10.90 -17.42 24.32
N GLY B 142 10.79 -16.39 23.46
CA GLY B 142 10.50 -15.04 23.94
C GLY B 142 9.00 -14.77 24.01
N THR B 143 8.19 -15.76 23.61
CA THR B 143 6.71 -15.56 23.65
C THR B 143 6.20 -15.78 25.06
N VAL B 144 5.43 -14.81 25.58
CA VAL B 144 4.86 -14.87 26.95
C VAL B 144 3.46 -14.27 26.90
N SER B 145 2.76 -14.27 28.03
CA SER B 145 1.39 -13.68 28.13
C SER B 145 1.37 -12.81 29.38
N TRP B 146 1.90 -11.59 29.28
CA TRP B 146 1.94 -10.67 30.44
C TRP B 146 1.03 -9.46 30.25
N ASN B 147 0.53 -8.91 31.36
CA ASN B 147 -0.30 -7.68 31.34
C ASN B 147 0.61 -6.49 31.05
N LEU B 148 0.05 -5.29 30.84
CA LEU B 148 0.88 -4.09 30.59
C LEU B 148 1.80 -3.87 31.81
N ARG B 149 1.23 -3.94 33.02
CA ARG B 149 1.96 -3.76 34.30
C ARG B 149 3.22 -4.65 34.33
N GLU B 150 3.08 -5.94 34.00
CA GLU B 150 4.21 -6.90 34.00
C GLU B 150 5.22 -6.52 32.92
N MET B 151 4.75 -6.17 31.72
CA MET B 151 5.67 -5.78 30.63
C MET B 151 6.47 -4.54 31.06
N LEU B 152 5.81 -3.52 31.61
CA LEU B 152 6.51 -2.30 32.08
C LEU B 152 7.55 -2.67 33.15
N ALA B 153 7.18 -3.50 34.13
CA ALA B 153 8.10 -3.90 35.21
C ALA B 153 9.34 -4.57 34.61
N HIS B 154 9.12 -5.50 33.68
CA HIS B 154 10.25 -6.22 33.03
C HIS B 154 11.14 -5.23 32.26
N ALA B 155 10.52 -4.26 31.56
CA ALA B 155 11.26 -3.26 30.77
C ALA B 155 12.13 -2.36 31.67
N GLU B 156 11.62 -1.85 32.79
CA GLU B 156 12.48 -0.95 33.63
C GLU B 156 13.49 -1.80 34.42
N GLU B 157 13.16 -3.03 34.74
CA GLU B 157 14.07 -3.94 35.48
C GLU B 157 15.19 -4.41 34.55
N THR B 158 14.95 -4.47 33.23
CA THR B 158 15.96 -4.94 32.24
C THR B 158 16.43 -3.80 31.31
N ARG B 159 15.78 -2.64 31.39
CA ARG B 159 16.06 -1.41 30.58
C ARG B 159 15.99 -1.71 29.08
N LYS B 160 14.98 -2.49 28.68
CA LYS B 160 14.75 -2.84 27.26
C LYS B 160 13.85 -1.79 26.61
N LEU B 161 13.88 -1.72 25.27
CA LEU B 161 13.03 -0.79 24.49
C LEU B 161 11.63 -1.40 24.46
N MET B 162 10.59 -0.58 24.64
CA MET B 162 9.22 -1.15 24.64
C MET B 162 8.31 -0.47 23.62
N PRO B 163 8.14 -1.07 22.42
CA PRO B 163 7.24 -0.53 21.40
C PRO B 163 5.80 -0.49 21.95
N ILE B 164 5.10 0.60 21.66
CA ILE B 164 3.69 0.82 22.13
C ILE B 164 2.90 1.52 21.02
N CYS B 165 1.68 1.03 20.76
CA CYS B 165 0.80 1.65 19.74
C CYS B 165 0.01 2.78 20.40
N MET B 166 0.25 4.02 19.96
CA MET B 166 -0.40 5.24 20.52
C MET B 166 -1.92 5.20 20.34
N ASP B 167 -2.41 4.39 19.40
CA ASP B 167 -3.87 4.29 19.10
C ASP B 167 -4.61 3.49 20.18
N VAL B 168 -3.90 2.86 21.11
CA VAL B 168 -4.55 2.07 22.21
C VAL B 168 -4.69 3.03 23.41
N ARG B 169 -5.80 3.74 23.47
CA ARG B 169 -6.05 4.76 24.53
C ARG B 169 -5.82 4.24 25.95
N ALA B 170 -6.38 3.08 26.32
CA ALA B 170 -6.20 2.57 27.70
C ALA B 170 -4.71 2.47 28.06
N ILE B 171 -3.87 1.94 27.15
CA ILE B 171 -2.41 1.83 27.42
C ILE B 171 -1.80 3.22 27.60
N MET B 172 -2.14 4.17 26.71
CA MET B 172 -1.55 5.53 26.81
C MET B 172 -1.98 6.18 28.13
N ALA B 173 -3.23 5.98 28.56
CA ALA B 173 -3.70 6.56 29.84
C ALA B 173 -2.86 6.03 31.00
N THR B 174 -2.60 4.72 31.04
CA THR B 174 -1.78 4.10 32.11
C THR B 174 -0.36 4.67 32.10
N ILE B 175 0.28 4.71 30.93
CA ILE B 175 1.67 5.24 30.79
C ILE B 175 1.71 6.72 31.22
N GLN B 176 0.70 7.51 30.85
CA GLN B 176 0.71 8.96 31.23
C GLN B 176 0.43 9.14 32.73
N ARG B 177 -0.31 8.22 33.35
CA ARG B 177 -0.61 8.35 34.81
C ARG B 177 0.58 7.85 35.62
N LYS B 178 1.19 6.73 35.18
CA LYS B 178 2.34 6.12 35.88
C LYS B 178 3.58 7.00 35.74
N TYR B 179 3.94 7.36 34.50
CA TYR B 179 5.14 8.21 34.25
C TYR B 179 4.66 9.65 34.00
N LYS B 180 4.24 10.32 35.08
CA LYS B 180 3.72 11.72 35.05
C LYS B 180 4.77 12.67 34.44
N GLY B 181 4.35 13.45 33.44
CA GLY B 181 5.26 14.42 32.79
C GLY B 181 5.85 13.87 31.50
N ILE B 182 5.70 12.56 31.24
CA ILE B 182 6.26 11.94 29.99
C ILE B 182 5.70 12.70 28.78
N LYS B 183 6.59 13.09 27.87
CA LYS B 183 6.14 13.79 26.63
C LYS B 183 5.90 12.70 25.59
N ILE B 184 4.65 12.26 25.43
CA ILE B 184 4.34 11.19 24.44
C ILE B 184 4.46 11.77 23.04
N GLN B 185 5.23 11.07 22.20
CA GLN B 185 5.54 11.51 20.82
C GLN B 185 5.93 10.27 19.99
N GLU B 186 5.61 10.30 18.70
CA GLU B 186 5.95 9.21 17.76
C GLU B 186 7.48 9.02 17.77
N GLY B 187 7.95 7.79 17.93
CA GLY B 187 9.40 7.48 17.94
C GLY B 187 9.93 7.15 19.33
N ILE B 188 11.25 7.24 19.51
CA ILE B 188 11.92 6.95 20.81
C ILE B 188 11.58 8.03 21.85
N VAL B 189 11.27 7.59 23.07
CA VAL B 189 10.96 8.47 24.24
C VAL B 189 11.51 7.74 25.46
N ASP B 190 12.62 8.22 26.02
CA ASP B 190 13.19 7.53 27.22
C ASP B 190 12.83 8.38 28.45
N TYR B 191 11.89 7.88 29.26
CA TYR B 191 11.40 8.58 30.48
C TYR B 191 10.92 7.52 31.47
N GLY B 192 11.81 7.13 32.40
CA GLY B 192 11.48 6.07 33.36
C GLY B 192 11.67 4.75 32.66
N VAL B 193 10.91 4.54 31.58
CA VAL B 193 10.97 3.35 30.70
C VAL B 193 11.31 3.84 29.30
N ARG B 194 12.19 3.12 28.59
CA ARG B 194 12.54 3.53 27.21
C ARG B 194 11.42 2.98 26.31
N PHE B 195 10.71 3.86 25.59
CA PHE B 195 9.57 3.41 24.73
C PHE B 195 9.78 3.74 23.25
N PHE B 196 9.03 3.06 22.39
CA PHE B 196 9.05 3.32 20.93
C PHE B 196 7.58 3.45 20.50
N PHE B 197 7.06 4.68 20.49
CA PHE B 197 5.64 4.89 20.12
C PHE B 197 5.46 4.90 18.60
N TYR B 198 4.37 4.27 18.16
CA TYR B 198 4.00 4.17 16.73
C TYR B 198 2.48 4.24 16.61
N THR B 199 1.98 4.62 15.43
CA THR B 199 0.52 4.71 15.16
C THR B 199 0.13 3.59 14.19
N SER B 200 -1.16 3.34 14.03
CA SER B 200 -1.60 2.27 13.10
C SER B 200 -1.56 2.79 11.65
N LYS B 201 -1.26 4.08 11.47
CA LYS B 201 -1.18 4.69 10.12
C LYS B 201 0.24 4.42 9.57
N GLU B 202 1.16 4.02 10.46
CA GLU B 202 2.55 3.70 10.06
C GLU B 202 2.60 2.21 9.73
N PRO B 203 3.00 1.82 8.50
CA PRO B 203 3.05 0.40 8.13
C PRO B 203 3.91 -0.43 9.09
N VAL B 204 3.45 -1.64 9.37
CA VAL B 204 4.16 -2.59 10.29
C VAL B 204 5.58 -2.82 9.77
N ALA B 205 5.73 -2.99 8.44
CA ALA B 205 7.06 -3.24 7.83
C ALA B 205 8.00 -2.05 8.10
N SER B 206 7.45 -0.85 8.21
CA SER B 206 8.29 0.35 8.48
C SER B 206 8.74 0.34 9.94
N ILE B 207 7.82 0.02 10.85
CA ILE B 207 8.09 -0.04 12.32
C ILE B 207 9.19 -1.09 12.57
N ILE B 208 9.05 -2.29 12.00
CA ILE B 208 10.05 -3.39 12.17
C ILE B 208 11.40 -2.96 11.59
N THR B 209 11.42 -2.28 10.45
CA THR B 209 12.70 -1.81 9.83
C THR B 209 13.40 -0.85 10.80
N LYS B 210 12.64 0.02 11.48
CA LYS B 210 13.24 0.99 12.45
C LYS B 210 13.74 0.23 13.69
N LEU B 211 12.99 -0.78 14.15
CA LEU B 211 13.40 -1.56 15.35
C LEU B 211 14.68 -2.36 15.04
N ASN B 212 14.76 -2.95 13.85
CA ASN B 212 15.98 -3.70 13.45
C ASN B 212 17.16 -2.74 13.40
N SER B 213 16.92 -1.51 12.95
CA SER B 213 17.97 -0.46 12.85
C SER B 213 18.52 -0.15 14.25
N LEU B 214 17.63 0.05 15.22
CA LEU B 214 18.04 0.33 16.63
C LEU B 214 18.77 -0.90 17.17
N ASN B 215 18.25 -2.09 16.83
CA ASN B 215 18.82 -3.40 17.21
C ASN B 215 19.02 -3.51 18.72
N GLU B 216 18.06 -3.05 19.54
CA GLU B 216 18.21 -3.17 21.02
C GLU B 216 17.17 -4.16 21.53
N PRO B 217 17.44 -4.87 22.66
CA PRO B 217 16.51 -5.86 23.19
C PRO B 217 15.12 -5.24 23.39
N LEU B 218 14.08 -5.97 22.98
CA LEU B 218 12.68 -5.46 23.07
C LEU B 218 11.79 -6.31 23.99
N VAL B 219 10.64 -5.72 24.28
CA VAL B 219 9.48 -6.28 25.06
C VAL B 219 8.30 -5.61 24.35
N THR B 220 7.48 -6.38 23.65
CA THR B 220 6.38 -5.75 22.88
C THR B 220 5.18 -6.68 22.67
N MET B 221 4.12 -6.12 22.07
CA MET B 221 2.88 -6.84 21.70
C MET B 221 3.12 -7.26 20.25
N PRO B 222 2.46 -8.30 19.69
CA PRO B 222 2.69 -8.65 18.29
C PRO B 222 2.40 -7.37 17.48
N ILE B 223 3.41 -6.81 16.82
CA ILE B 223 3.21 -5.53 16.07
C ILE B 223 2.21 -5.71 14.92
N GLY B 224 1.19 -4.84 14.92
CA GLY B 224 0.14 -4.86 13.88
C GLY B 224 -1.12 -5.58 14.32
N TYR B 225 -1.02 -6.50 15.28
CA TYR B 225 -2.20 -7.27 15.76
C TYR B 225 -3.30 -6.33 16.30
N VAL B 226 -4.47 -6.41 15.66
CA VAL B 226 -5.69 -5.60 16.00
C VAL B 226 -5.50 -4.16 15.54
N THR B 227 -4.40 -3.52 15.94
CA THR B 227 -4.09 -2.10 15.59
C THR B 227 -4.23 -1.85 14.07
N HIS B 228 -3.42 -2.53 13.27
CA HIS B 228 -3.40 -2.39 11.78
C HIS B 228 -4.37 -3.37 11.09
N GLY B 229 -5.23 -4.05 11.84
CA GLY B 229 -6.19 -5.00 11.24
C GLY B 229 -5.61 -6.39 11.06
N PHE B 230 -4.32 -6.57 11.38
CA PHE B 230 -3.61 -7.87 11.28
C PHE B 230 -4.14 -8.87 12.30
N ASN B 231 -4.29 -10.13 11.90
CA ASN B 231 -4.74 -11.15 12.89
C ASN B 231 -3.46 -11.68 13.54
N LEU B 232 -3.56 -12.68 14.41
CA LEU B 232 -2.34 -13.18 15.11
C LEU B 232 -1.38 -13.84 14.11
N GLU B 233 -1.90 -14.56 13.11
CA GLU B 233 -1.02 -15.24 12.12
C GLU B 233 -0.23 -14.21 11.30
N GLU B 234 -0.91 -13.18 10.82
CA GLU B 234 -0.28 -12.11 9.98
C GLU B 234 0.75 -11.32 10.81
N ALA B 235 0.45 -11.00 12.07
CA ALA B 235 1.43 -10.26 12.90
C ALA B 235 2.67 -11.14 13.10
N ALA B 236 2.44 -12.45 13.26
CA ALA B 236 3.56 -13.41 13.46
C ALA B 236 4.46 -13.44 12.22
N ARG B 237 3.89 -13.43 11.01
CA ARG B 237 4.72 -13.46 9.78
C ARG B 237 5.65 -12.24 9.74
N CYS B 238 5.17 -11.08 10.18
CA CYS B 238 6.01 -9.86 10.18
C CYS B 238 7.05 -9.91 11.30
N MET B 239 6.69 -10.42 12.48
CA MET B 239 7.64 -10.51 13.62
C MET B 239 8.82 -11.43 13.25
N ARG B 240 8.67 -12.29 12.25
CA ARG B 240 9.79 -13.19 11.81
C ARG B 240 10.96 -12.33 11.33
N SER B 241 10.64 -11.15 10.78
CA SER B 241 11.65 -10.19 10.25
C SER B 241 12.38 -9.47 11.38
N LEU B 242 11.75 -9.37 12.55
CA LEU B 242 12.36 -8.67 13.70
C LEU B 242 13.67 -9.39 14.08
N LYS B 243 14.82 -8.75 13.83
CA LYS B 243 16.14 -9.36 14.15
C LYS B 243 16.55 -9.01 15.58
N ALA B 244 16.04 -7.90 16.12
CA ALA B 244 16.38 -7.51 17.51
C ALA B 244 15.86 -8.56 18.48
N PRO B 245 16.55 -8.84 19.62
CA PRO B 245 16.06 -9.82 20.59
C PRO B 245 14.70 -9.31 21.10
N ALA B 246 13.72 -10.19 21.30
CA ALA B 246 12.42 -9.65 21.74
C ALA B 246 11.57 -10.64 22.55
N VAL B 247 10.90 -10.07 23.56
CA VAL B 247 9.93 -10.79 24.43
C VAL B 247 8.58 -10.36 23.87
N VAL B 248 7.81 -11.29 23.31
CA VAL B 248 6.50 -10.93 22.71
C VAL B 248 5.38 -11.40 23.65
N SER B 249 4.50 -10.47 24.04
CA SER B 249 3.37 -10.78 24.97
C SER B 249 2.05 -10.89 24.20
N VAL B 250 1.33 -12.00 24.37
CA VAL B 250 0.02 -12.25 23.70
C VAL B 250 -1.09 -12.27 24.78
N SER B 251 -2.35 -12.31 24.36
CA SER B 251 -3.54 -12.27 25.26
C SER B 251 -3.59 -13.40 26.31
N SER B 252 -3.19 -14.64 26.02
CA SER B 252 -3.27 -15.71 27.05
C SER B 252 -2.29 -16.83 26.76
N PRO B 253 -2.14 -17.85 27.65
CA PRO B 253 -1.26 -18.98 27.37
C PRO B 253 -1.72 -19.77 26.14
N ASP B 254 -3.03 -19.83 25.87
CA ASP B 254 -3.55 -20.53 24.67
C ASP B 254 -3.12 -19.72 23.43
N ALA B 255 -2.94 -18.40 23.59
CA ALA B 255 -2.50 -17.53 22.46
C ALA B 255 -1.00 -17.76 22.23
N VAL B 256 -0.30 -18.11 23.31
CA VAL B 256 1.16 -18.39 23.23
C VAL B 256 1.37 -19.61 22.33
N THR B 257 0.70 -20.72 22.64
CA THR B 257 0.85 -21.96 21.83
C THR B 257 0.44 -21.67 20.38
N THR B 258 -0.68 -20.96 20.18
CA THR B 258 -1.17 -20.63 18.81
C THR B 258 -0.16 -19.75 18.07
N TYR B 259 0.30 -18.66 18.71
CA TYR B 259 1.27 -17.73 18.09
C TYR B 259 2.57 -18.47 17.74
N ASN B 260 3.17 -19.15 18.72
CA ASN B 260 4.42 -19.92 18.46
C ASN B 260 4.17 -20.88 17.28
N GLY B 261 2.96 -21.44 17.20
CA GLY B 261 2.62 -22.36 16.10
C GLY B 261 2.78 -21.67 14.75
N TYR B 262 2.25 -20.47 14.60
CA TYR B 262 2.37 -19.75 13.31
C TYR B 262 3.82 -19.35 13.04
N LEU B 263 4.53 -19.03 14.12
CA LEU B 263 5.94 -18.57 14.08
C LEU B 263 6.86 -19.67 13.56
N THR B 264 6.43 -20.94 13.58
CA THR B 264 7.30 -22.07 13.09
C THR B 264 6.68 -22.82 11.90
N SER B 265 5.35 -22.75 11.70
CA SER B 265 4.70 -23.48 10.58
C SER B 265 5.33 -23.07 9.24
#